data_8EDH
#
_entry.id   8EDH
#
_cell.length_a   50.976
_cell.length_b   112.473
_cell.length_c   66.642
_cell.angle_alpha   90.000
_cell.angle_beta   100.268
_cell.angle_gamma   90.000
#
_symmetry.space_group_name_H-M   'P 1 21 1'
#
loop_
_entity.id
_entity.type
_entity.pdbx_description
1 polymer 'Serine/threonine-protein kinase WNK3'
2 non-polymer 'ethyl 1-(5,7-dimethoxy-4-methylquinolin-2-yl)piperidine-4-carboxylate'
3 water water
#
_entity_poly.entity_id   1
_entity_poly.type   'polypeptide(L)'
_entity_poly.pdbx_seq_one_letter_code
;KDCFKEKNEKEMEEEAEMKAVATSPSGRFLKFDIELGRGAFKTVYKGLDTETWVEVAWCELQDRKLTKAEQQRFKEEAEM
LKGLQHPNIVRFYDSWESILKGKKCIVLVTELMTSGTLKTYLKRFKVMKPKVLRSWCRQILKGLQFLHTRTPPIIHRDLK
CDNIFITGPTGSVKIGDLGLATLMRTSFAKAVIGTPEFMAPEMYEEHYDESVDVYAFGMCMLEMATSEYPYSECQNAAQI
YRKVTSGIKPASFNKVTDPEVKEIIEGCIRQNKSERLSIRDLLNHAFFAEDT
;
_entity_poly.pdbx_strand_id   A,C
#
# COMPACT_ATOMS: atom_id res chain seq x y z
N ALA A 20 11.85 9.78 -32.09
CA ALA A 20 10.83 10.62 -31.41
C ALA A 20 9.46 10.49 -32.10
N VAL A 21 8.41 10.32 -31.30
CA VAL A 21 7.06 10.21 -31.85
C VAL A 21 6.22 11.47 -31.51
N ALA A 22 6.79 12.42 -30.77
CA ALA A 22 6.09 13.66 -30.48
C ALA A 22 7.06 14.79 -30.14
N THR A 23 6.53 16.02 -30.17
CA THR A 23 7.34 17.21 -29.93
C THR A 23 6.52 18.32 -29.26
N SER A 24 7.24 19.11 -28.46
CA SER A 24 6.74 20.39 -27.99
C SER A 24 6.38 21.29 -29.18
N PRO A 25 5.34 22.13 -29.02
CA PRO A 25 5.03 23.19 -30.00
C PRO A 25 6.23 24.10 -30.26
N SER A 26 7.04 24.36 -29.21
CA SER A 26 8.27 25.16 -29.31
C SER A 26 9.31 24.45 -30.17
N GLY A 27 9.08 23.15 -30.42
CA GLY A 27 10.06 22.27 -31.04
C GLY A 27 11.27 21.99 -30.13
N ARG A 28 11.24 22.48 -28.89
CA ARG A 28 12.42 22.41 -28.03
C ARG A 28 12.58 21.03 -27.38
N PHE A 29 11.52 20.20 -27.44
CA PHE A 29 11.47 18.96 -26.66
C PHE A 29 10.91 17.82 -27.52
N LEU A 30 11.40 16.59 -27.27
CA LEU A 30 11.03 15.40 -28.04
C LEU A 30 10.63 14.25 -27.12
N LYS A 31 9.50 13.61 -27.45
CA LYS A 31 8.98 12.46 -26.72
C LYS A 31 9.42 11.16 -27.41
N PHE A 32 10.02 10.25 -26.62
CA PHE A 32 10.29 8.90 -27.11
C PHE A 32 9.19 7.96 -26.61
N ASP A 33 9.14 6.74 -27.14
CA ASP A 33 8.05 5.84 -26.79
C ASP A 33 8.46 4.87 -25.67
N ILE A 34 9.00 5.42 -24.58
CA ILE A 34 9.61 4.68 -23.49
C ILE A 34 9.06 5.15 -22.14
N GLU A 35 8.08 4.40 -21.63
CA GLU A 35 7.38 4.75 -20.40
C GLU A 35 8.31 4.56 -19.19
N LEU A 36 8.23 5.49 -18.22
CA LEU A 36 9.08 5.49 -17.05
C LEU A 36 8.28 5.43 -15.74
N GLY A 37 6.95 5.50 -15.82
CA GLY A 37 6.09 5.54 -14.65
C GLY A 37 4.61 5.55 -15.04
N ARG A 38 3.74 5.06 -14.15
CA ARG A 38 2.32 5.03 -14.48
C ARG A 38 1.49 5.23 -13.23
N GLY A 39 1.39 6.49 -12.77
CA GLY A 39 0.30 6.92 -11.90
C GLY A 39 -1.03 6.51 -12.52
N ALA A 40 -2.09 6.52 -11.71
CA ALA A 40 -3.40 6.13 -12.21
C ALA A 40 -3.88 7.15 -13.25
N PHE A 41 -3.57 8.43 -13.00
CA PHE A 41 -4.11 9.56 -13.73
C PHE A 41 -3.13 10.11 -14.77
N LYS A 42 -1.89 9.61 -14.76
CA LYS A 42 -0.86 10.17 -15.62
C LYS A 42 0.03 9.05 -16.19
N THR A 43 1.00 9.47 -17.04
CA THR A 43 2.08 8.65 -17.56
C THR A 43 3.29 9.55 -17.79
N VAL A 44 4.48 8.98 -17.59
CA VAL A 44 5.74 9.73 -17.68
C VAL A 44 6.67 9.01 -18.65
N TYR A 45 7.02 9.69 -19.75
CA TYR A 45 7.92 9.15 -20.73
C TYR A 45 9.29 9.82 -20.60
N LYS A 46 10.32 9.13 -21.11
CA LYS A 46 11.63 9.74 -21.24
C LYS A 46 11.60 10.63 -22.48
N GLY A 47 12.17 11.83 -22.34
CA GLY A 47 12.16 12.83 -23.40
C GLY A 47 13.45 13.63 -23.38
N LEU A 48 13.56 14.61 -24.29
CA LEU A 48 14.85 15.22 -24.54
C LEU A 48 14.69 16.70 -24.86
N ASP A 49 15.50 17.51 -24.17
CA ASP A 49 15.66 18.92 -24.46
C ASP A 49 16.68 19.04 -25.59
N THR A 50 16.20 19.43 -26.78
CA THR A 50 17.08 19.64 -27.92
C THR A 50 18.07 20.77 -27.64
N GLU A 51 17.67 21.76 -26.83
CA GLU A 51 18.52 22.89 -26.51
C GLU A 51 19.76 22.49 -25.68
N THR A 52 19.55 21.84 -24.53
CA THR A 52 20.65 21.61 -23.61
C THR A 52 21.11 20.16 -23.68
N TRP A 53 20.50 19.39 -24.59
CA TRP A 53 20.84 17.98 -24.80
C TRP A 53 20.86 17.21 -23.48
N VAL A 54 20.08 17.68 -22.48
CA VAL A 54 19.88 16.95 -21.24
C VAL A 54 18.59 16.15 -21.39
N GLU A 55 18.60 14.92 -20.86
CA GLU A 55 17.41 14.10 -20.87
C GLU A 55 16.38 14.71 -19.92
N VAL A 56 15.07 14.58 -20.22
CA VAL A 56 14.01 15.25 -19.48
C VAL A 56 12.81 14.33 -19.34
N ALA A 57 11.80 14.79 -18.57
CA ALA A 57 10.58 14.02 -18.31
C ALA A 57 9.40 14.61 -19.09
N TRP A 58 8.68 13.73 -19.79
CA TRP A 58 7.55 14.10 -20.63
C TRP A 58 6.27 13.53 -20.03
N CYS A 59 5.62 14.33 -19.17
CA CYS A 59 4.47 13.91 -18.36
C CYS A 59 3.17 14.25 -19.09
N GLU A 60 2.30 13.24 -19.24
CA GLU A 60 1.01 13.39 -19.88
C GLU A 60 -0.03 12.95 -18.86
N LEU A 61 -0.97 13.83 -18.53
CA LEU A 61 -1.97 13.54 -17.50
C LEU A 61 -3.33 13.81 -18.14
N GLN A 62 -4.21 12.81 -18.16
CA GLN A 62 -5.50 12.97 -18.81
C GLN A 62 -6.27 14.14 -18.20
N ASP A 63 -6.82 15.00 -19.06
CA ASP A 63 -7.58 16.16 -18.64
C ASP A 63 -8.97 15.72 -18.21
N ARG A 64 -9.10 14.45 -17.81
CA ARG A 64 -10.32 13.94 -17.20
C ARG A 64 -10.79 14.92 -16.12
N LYS A 65 -9.88 15.79 -15.66
CA LYS A 65 -10.18 16.81 -14.67
C LYS A 65 -11.18 17.81 -15.24
N LEU A 66 -11.26 17.90 -16.58
CA LEU A 66 -12.02 18.94 -17.25
C LEU A 66 -11.74 20.27 -16.56
N THR A 67 -10.46 20.67 -16.58
CA THR A 67 -9.98 21.86 -15.87
C THR A 67 -10.99 23.00 -16.02
N LYS A 68 -11.80 22.94 -17.10
CA LYS A 68 -12.76 23.96 -17.41
C LYS A 68 -12.03 25.26 -17.76
N ALA A 69 -12.79 26.32 -18.05
CA ALA A 69 -12.20 27.56 -18.48
C ALA A 69 -11.20 28.09 -17.44
N GLU A 70 -11.04 27.37 -16.31
CA GLU A 70 -9.92 27.58 -15.39
C GLU A 70 -8.61 27.16 -16.02
N GLN A 71 -8.66 26.63 -17.26
CA GLN A 71 -7.47 26.40 -18.07
C GLN A 71 -6.58 27.64 -18.05
N GLN A 72 -7.22 28.81 -18.10
CA GLN A 72 -6.50 30.08 -18.05
C GLN A 72 -5.63 30.18 -16.80
N ARG A 73 -6.20 29.81 -15.64
CA ARG A 73 -5.51 29.91 -14.36
C ARG A 73 -4.20 29.12 -14.44
N PHE A 74 -4.28 27.91 -15.01
CA PHE A 74 -3.12 27.06 -15.16
C PHE A 74 -2.08 27.71 -16.08
N LYS A 75 -2.53 28.20 -17.23
CA LYS A 75 -1.66 28.92 -18.15
C LYS A 75 -0.76 29.88 -17.37
N GLU A 76 -1.35 30.74 -16.52
CA GLU A 76 -0.61 31.76 -15.79
C GLU A 76 0.24 31.12 -14.68
N GLU A 77 -0.31 30.08 -14.03
CA GLU A 77 0.43 29.29 -13.06
C GLU A 77 1.67 28.71 -13.74
N ALA A 78 1.43 27.96 -14.83
CA ALA A 78 2.45 27.28 -15.61
C ALA A 78 3.48 28.25 -16.15
N GLU A 79 3.03 29.45 -16.56
CA GLU A 79 3.98 30.44 -17.05
C GLU A 79 4.91 30.88 -15.93
N MET A 80 4.34 31.05 -14.72
CA MET A 80 5.15 31.52 -13.61
C MET A 80 6.15 30.43 -13.20
N LEU A 81 5.75 29.17 -13.38
CA LEU A 81 6.49 27.99 -12.96
C LEU A 81 7.77 27.82 -13.79
N LYS A 82 7.71 28.25 -15.05
CA LYS A 82 8.87 28.32 -15.92
C LYS A 82 9.86 29.36 -15.37
N GLY A 83 9.34 30.42 -14.73
CA GLY A 83 10.15 31.48 -14.14
C GLY A 83 10.90 31.04 -12.89
N LEU A 84 10.51 29.90 -12.33
CA LEU A 84 11.10 29.40 -11.09
C LEU A 84 12.41 28.67 -11.40
N GLN A 85 13.47 29.01 -10.66
CA GLN A 85 14.69 28.21 -10.66
C GLN A 85 15.30 28.23 -9.26
N HIS A 86 15.44 27.03 -8.65
CA HIS A 86 16.01 26.90 -7.32
C HIS A 86 16.55 25.47 -7.12
N PRO A 87 17.65 25.31 -6.34
CA PRO A 87 18.28 24.00 -6.13
C PRO A 87 17.37 22.89 -5.58
N ASN A 88 16.19 23.27 -5.06
CA ASN A 88 15.34 22.37 -4.30
C ASN A 88 13.92 22.44 -4.83
N ILE A 89 13.81 22.91 -6.07
CA ILE A 89 12.57 22.87 -6.84
C ILE A 89 12.93 22.20 -8.16
N VAL A 90 12.33 21.05 -8.45
CA VAL A 90 12.47 20.39 -9.74
C VAL A 90 11.99 21.36 -10.82
N ARG A 91 12.85 21.61 -11.83
CA ARG A 91 12.61 22.68 -12.79
C ARG A 91 11.41 22.35 -13.69
N PHE A 92 10.65 23.40 -14.04
CA PHE A 92 9.49 23.30 -14.90
C PHE A 92 9.81 23.96 -16.25
N TYR A 93 9.58 23.23 -17.35
CA TYR A 93 10.01 23.70 -18.65
C TYR A 93 8.83 24.17 -19.51
N ASP A 94 7.81 23.32 -19.68
CA ASP A 94 6.76 23.64 -20.62
C ASP A 94 5.51 22.80 -20.36
N SER A 95 4.39 23.27 -20.89
CA SER A 95 3.11 22.58 -20.83
C SER A 95 2.24 23.04 -21.99
N TRP A 96 1.28 22.22 -22.39
CA TRP A 96 0.35 22.54 -23.47
C TRP A 96 -0.76 21.50 -23.46
N GLU A 97 -1.75 21.64 -24.36
CA GLU A 97 -2.87 20.71 -24.40
C GLU A 97 -2.82 19.94 -25.71
N SER A 98 -2.72 18.60 -25.60
CA SER A 98 -2.79 17.76 -26.78
C SER A 98 -3.88 16.71 -26.56
N ILE A 99 -4.25 16.02 -27.64
CA ILE A 99 -5.16 14.89 -27.57
C ILE A 99 -4.35 13.62 -27.81
N LEU A 100 -3.77 13.06 -26.74
CA LEU A 100 -3.12 11.76 -26.82
C LEU A 100 -4.11 10.67 -26.43
N LYS A 101 -4.03 9.52 -27.11
CA LYS A 101 -5.04 8.46 -27.11
C LYS A 101 -6.31 8.99 -27.79
N GLY A 102 -7.45 8.77 -27.15
CA GLY A 102 -8.70 9.38 -27.60
C GLY A 102 -9.02 10.62 -26.77
N LYS A 103 -8.22 10.80 -25.71
CA LYS A 103 -8.53 11.68 -24.58
C LYS A 103 -7.78 13.01 -24.73
N LYS A 104 -8.53 14.11 -24.59
CA LYS A 104 -7.94 15.43 -24.39
C LYS A 104 -7.18 15.41 -23.07
N CYS A 105 -5.94 15.91 -23.09
CA CYS A 105 -5.07 15.79 -21.92
C CYS A 105 -4.15 17.01 -21.84
N ILE A 106 -3.14 16.91 -20.97
CA ILE A 106 -2.17 17.98 -20.77
C ILE A 106 -0.78 17.35 -20.62
N VAL A 107 0.19 17.89 -21.39
CA VAL A 107 1.58 17.49 -21.31
C VAL A 107 2.39 18.58 -20.60
N LEU A 108 3.14 18.15 -19.57
CA LEU A 108 4.10 19.02 -18.89
C LEU A 108 5.50 18.48 -19.18
N VAL A 109 6.50 19.37 -19.11
CA VAL A 109 7.90 18.99 -19.31
C VAL A 109 8.71 19.61 -18.19
N THR A 110 9.43 18.72 -17.50
CA THR A 110 10.09 19.02 -16.24
C THR A 110 11.41 18.27 -16.17
N GLU A 111 12.36 18.86 -15.43
CA GLU A 111 13.65 18.27 -15.12
C GLU A 111 13.47 16.80 -14.79
N LEU A 112 14.33 15.94 -15.35
CA LEU A 112 14.21 14.53 -15.06
C LEU A 112 14.97 14.19 -13.77
N MET A 113 14.24 13.54 -12.85
CA MET A 113 14.75 13.09 -11.57
C MET A 113 14.75 11.56 -11.60
N THR A 114 15.93 10.96 -11.46
CA THR A 114 16.06 9.53 -11.72
C THR A 114 16.07 8.71 -10.43
N SER A 115 16.60 9.29 -9.34
CA SER A 115 16.89 8.57 -8.12
C SER A 115 15.68 8.48 -7.19
N GLY A 116 14.48 8.76 -7.72
CA GLY A 116 13.24 8.46 -7.03
C GLY A 116 12.85 9.50 -5.98
N THR A 117 11.99 9.06 -5.04
CA THR A 117 11.31 9.92 -4.08
C THR A 117 11.90 9.67 -2.69
N LEU A 118 11.44 10.47 -1.71
CA LEU A 118 11.76 10.23 -0.31
C LEU A 118 11.07 8.95 0.14
N LYS A 119 9.83 8.78 -0.32
CA LYS A 119 8.98 7.64 -0.03
C LYS A 119 9.72 6.34 -0.35
N THR A 120 10.23 6.25 -1.58
CA THR A 120 10.89 5.03 -2.03
C THR A 120 12.19 4.84 -1.26
N TYR A 121 12.88 5.96 -0.95
CA TYR A 121 14.15 5.91 -0.24
C TYR A 121 13.95 5.33 1.17
N LEU A 122 12.86 5.74 1.84
CA LEU A 122 12.63 5.32 3.20
C LEU A 122 12.59 3.80 3.29
N LYS A 123 11.70 3.19 2.52
CA LYS A 123 11.56 1.74 2.43
C LYS A 123 12.94 1.09 2.28
N ARG A 124 13.59 1.34 1.14
CA ARG A 124 14.91 0.79 0.83
C ARG A 124 15.79 0.78 2.08
N PHE A 125 16.18 1.97 2.57
CA PHE A 125 17.07 2.04 3.72
C PHE A 125 16.36 1.67 5.03
N LYS A 126 15.05 1.91 5.09
CA LYS A 126 14.19 1.53 6.21
C LYS A 126 14.51 2.27 7.50
N VAL A 127 15.55 3.12 7.50
CA VAL A 127 15.79 4.07 8.59
C VAL A 127 16.70 5.19 8.07
N MET A 128 16.27 6.43 8.28
CA MET A 128 17.05 7.59 7.86
C MET A 128 17.97 8.04 8.99
N LYS A 129 19.25 8.26 8.67
CA LYS A 129 20.26 8.72 9.61
C LYS A 129 19.95 10.16 10.00
N PRO A 130 19.86 10.50 11.31
CA PRO A 130 19.50 11.85 11.74
C PRO A 130 20.25 13.00 11.10
N LYS A 131 21.44 12.73 10.56
CA LYS A 131 22.22 13.75 9.85
C LYS A 131 21.62 14.04 8.48
N VAL A 132 21.16 12.98 7.79
CA VAL A 132 20.52 13.02 6.48
C VAL A 132 19.22 13.82 6.60
N LEU A 133 18.42 13.48 7.62
CA LEU A 133 17.12 14.08 7.85
C LEU A 133 17.25 15.59 8.05
N ARG A 134 18.20 16.02 8.88
CA ARG A 134 18.41 17.44 9.10
C ARG A 134 18.65 18.13 7.76
N SER A 135 19.68 17.67 7.03
CA SER A 135 20.10 18.33 5.80
C SER A 135 18.98 18.39 4.77
N TRP A 136 18.21 17.29 4.63
CA TRP A 136 17.17 17.18 3.62
C TRP A 136 15.93 18.01 3.95
N CYS A 137 15.48 17.93 5.22
CA CYS A 137 14.39 18.73 5.75
C CYS A 137 14.69 20.21 5.66
N ARG A 138 15.92 20.61 6.03
CA ARG A 138 16.33 22.00 5.88
C ARG A 138 16.12 22.42 4.42
N GLN A 139 16.47 21.52 3.50
CA GLN A 139 16.44 21.82 2.08
C GLN A 139 14.99 21.99 1.61
N ILE A 140 14.09 21.19 2.18
CA ILE A 140 12.67 21.30 1.90
C ILE A 140 12.17 22.67 2.36
N LEU A 141 12.57 23.08 3.57
CA LEU A 141 12.21 24.39 4.11
C LEU A 141 12.69 25.49 3.15
N LYS A 142 13.95 25.38 2.70
CA LYS A 142 14.57 26.30 1.77
C LYS A 142 13.78 26.39 0.47
N GLY A 143 13.29 25.24 -0.01
CA GLY A 143 12.44 25.17 -1.19
C GLY A 143 11.10 25.88 -0.99
N LEU A 144 10.45 25.57 0.14
CA LEU A 144 9.16 26.16 0.49
C LEU A 144 9.32 27.67 0.63
N GLN A 145 10.45 28.06 1.22
CA GLN A 145 10.73 29.47 1.47
C GLN A 145 10.76 30.20 0.13
N PHE A 146 11.42 29.60 -0.85
CA PHE A 146 11.50 30.16 -2.19
C PHE A 146 10.09 30.36 -2.73
N LEU A 147 9.32 29.26 -2.74
CA LEU A 147 7.96 29.25 -3.27
C LEU A 147 7.08 30.32 -2.63
N HIS A 148 7.21 30.49 -1.31
CA HIS A 148 6.34 31.39 -0.57
C HIS A 148 6.74 32.85 -0.82
N THR A 149 8.04 33.08 -1.06
CA THR A 149 8.54 34.44 -1.23
C THR A 149 8.45 34.88 -2.69
N ARG A 150 7.88 34.04 -3.57
CA ARG A 150 7.54 34.47 -4.92
C ARG A 150 6.48 35.56 -4.83
N THR A 151 6.30 36.27 -5.97
CA THR A 151 5.24 37.25 -6.10
C THR A 151 4.46 36.98 -7.38
N PRO A 152 3.23 36.38 -7.34
CA PRO A 152 2.53 36.08 -6.09
C PRO A 152 3.11 34.86 -5.38
N PRO A 153 2.93 34.73 -4.03
CA PRO A 153 3.37 33.54 -3.29
C PRO A 153 2.80 32.28 -3.95
N ILE A 154 3.62 31.23 -4.00
CA ILE A 154 3.22 29.92 -4.50
C ILE A 154 3.00 29.02 -3.29
N ILE A 155 1.81 28.44 -3.17
CA ILE A 155 1.58 27.41 -2.17
C ILE A 155 1.57 26.05 -2.87
N HIS A 156 2.31 25.08 -2.31
CA HIS A 156 2.33 23.75 -2.88
C HIS A 156 0.96 23.09 -2.73
N ARG A 157 0.36 23.20 -1.54
CA ARG A 157 -0.99 22.69 -1.26
C ARG A 157 -0.98 21.17 -1.20
N ASP A 158 0.15 20.54 -1.57
CA ASP A 158 0.15 19.12 -1.83
C ASP A 158 1.51 18.48 -1.57
N LEU A 159 2.28 19.07 -0.65
CA LEU A 159 3.58 18.52 -0.32
C LEU A 159 3.41 17.17 0.38
N LYS A 160 4.15 16.17 -0.09
CA LYS A 160 4.07 14.80 0.37
C LYS A 160 5.35 14.08 0.00
N CYS A 161 5.56 12.88 0.52
CA CYS A 161 6.88 12.27 0.46
C CYS A 161 7.23 11.74 -0.93
N ASP A 162 6.20 11.38 -1.71
CA ASP A 162 6.40 10.78 -3.03
C ASP A 162 6.60 11.84 -4.11
N ASN A 163 6.39 13.11 -3.77
CA ASN A 163 6.67 14.18 -4.72
C ASN A 163 7.79 15.09 -4.21
N ILE A 164 8.53 14.64 -3.21
CA ILE A 164 9.86 15.18 -2.95
C ILE A 164 10.87 14.21 -3.54
N PHE A 165 11.75 14.73 -4.39
CA PHE A 165 12.69 13.92 -5.15
C PHE A 165 14.10 14.13 -4.64
N ILE A 166 14.91 13.06 -4.64
CA ILE A 166 16.33 13.18 -4.35
C ILE A 166 17.14 13.15 -5.65
N THR A 167 18.30 13.82 -5.62
CA THR A 167 19.32 13.87 -6.66
C THR A 167 19.92 12.49 -6.83
N GLY A 168 20.37 11.93 -5.69
CA GLY A 168 20.91 10.59 -5.57
C GLY A 168 20.88 10.16 -4.11
N PRO A 169 21.17 8.87 -3.78
CA PRO A 169 21.24 8.42 -2.38
C PRO A 169 22.15 9.28 -1.49
N THR A 170 23.29 9.72 -2.05
CA THR A 170 24.12 10.79 -1.52
C THR A 170 23.96 12.02 -2.41
N GLY A 171 23.07 12.93 -2.00
CA GLY A 171 22.70 14.10 -2.81
C GLY A 171 21.71 14.99 -2.07
N SER A 172 20.91 15.75 -2.84
CA SER A 172 19.96 16.68 -2.24
C SER A 172 18.52 16.43 -2.72
N VAL A 173 17.57 17.15 -2.12
CA VAL A 173 16.16 17.00 -2.45
C VAL A 173 15.69 18.19 -3.30
N LYS A 174 14.64 17.93 -4.08
CA LYS A 174 13.95 18.95 -4.85
C LYS A 174 12.46 18.62 -4.81
N ILE A 175 11.64 19.63 -4.48
CA ILE A 175 10.19 19.51 -4.48
C ILE A 175 9.70 19.44 -5.92
N GLY A 176 8.88 18.41 -6.19
CA GLY A 176 8.26 18.21 -7.49
C GLY A 176 6.74 18.38 -7.45
N ASP A 177 6.09 17.80 -8.46
CA ASP A 177 4.67 17.83 -8.76
C ASP A 177 4.05 19.20 -8.52
N LEU A 178 4.74 20.25 -8.95
CA LEU A 178 4.34 21.63 -8.69
C LEU A 178 3.02 21.95 -9.39
N GLY A 179 3.00 21.74 -10.71
CA GLY A 179 1.85 22.06 -11.54
C GLY A 179 0.64 21.20 -11.19
N LEU A 180 0.89 19.88 -11.02
CA LEU A 180 -0.10 18.87 -10.68
C LEU A 180 -1.05 19.39 -9.61
N ALA A 181 -0.48 20.19 -8.70
CA ALA A 181 -1.16 20.76 -7.54
C ALA A 181 -2.50 21.41 -7.94
N THR A 182 -2.56 21.98 -9.16
CA THR A 182 -3.73 22.74 -9.62
C THR A 182 -4.88 21.82 -10.02
N LEU A 183 -4.55 20.75 -10.75
CA LEU A 183 -5.58 19.88 -11.32
C LEU A 183 -5.84 18.67 -10.43
N MET A 184 -7.03 18.61 -9.82
CA MET A 184 -7.37 17.65 -8.79
C MET A 184 -8.90 17.49 -8.75
N GLU A 197 -7.25 11.16 2.09
CA GLU A 197 -5.85 11.65 2.06
C GLU A 197 -5.66 12.73 3.12
N PHE A 198 -4.54 12.65 3.88
CA PHE A 198 -4.27 13.60 4.96
C PHE A 198 -3.91 14.96 4.40
N MET A 199 -4.66 15.98 4.82
CA MET A 199 -4.37 17.39 4.55
C MET A 199 -4.76 18.20 5.77
N ALA A 200 -4.17 19.39 5.92
CA ALA A 200 -4.29 20.25 7.08
C ALA A 200 -5.75 20.47 7.52
N PRO A 201 -6.04 20.46 8.85
CA PRO A 201 -7.42 20.42 9.34
C PRO A 201 -8.25 21.60 8.83
N GLU A 202 -7.69 22.81 8.96
CA GLU A 202 -8.40 24.02 8.58
C GLU A 202 -8.98 23.86 7.17
N MET A 203 -8.36 22.97 6.38
CA MET A 203 -8.59 22.95 4.94
C MET A 203 -9.89 22.18 4.65
N TYR A 204 -10.73 21.98 5.68
CA TYR A 204 -12.06 21.43 5.53
C TYR A 204 -13.12 22.54 5.67
N TYR A 208 -6.62 27.42 1.08
CA TYR A 208 -5.13 27.33 1.09
C TYR A 208 -4.57 28.53 1.86
N ASP A 209 -3.24 28.53 1.99
CA ASP A 209 -2.43 29.57 2.61
C ASP A 209 -1.10 28.94 3.05
N GLU A 210 -0.15 29.82 3.38
CA GLU A 210 1.23 29.42 3.61
C GLU A 210 1.32 28.24 4.58
N SER A 211 0.43 28.23 5.59
CA SER A 211 0.59 27.39 6.77
C SER A 211 0.10 25.97 6.50
N VAL A 212 -0.61 25.79 5.38
CA VAL A 212 -1.08 24.50 4.94
C VAL A 212 0.10 23.59 4.65
N ASP A 213 1.15 24.20 4.05
CA ASP A 213 2.43 23.61 3.69
C ASP A 213 3.29 23.32 4.93
N VAL A 214 3.17 24.15 5.97
CA VAL A 214 3.84 23.88 7.22
C VAL A 214 3.26 22.61 7.85
N TYR A 215 1.95 22.44 7.75
CA TYR A 215 1.36 21.23 8.29
C TYR A 215 1.86 20.00 7.51
N ALA A 216 1.88 20.12 6.18
CA ALA A 216 2.37 19.09 5.29
C ALA A 216 3.78 18.69 5.69
N PHE A 217 4.70 19.67 5.69
CA PHE A 217 6.10 19.48 6.01
C PHE A 217 6.24 18.74 7.35
N GLY A 218 5.46 19.19 8.33
CA GLY A 218 5.48 18.56 9.65
C GLY A 218 5.30 17.06 9.53
N MET A 219 4.28 16.67 8.76
CA MET A 219 3.88 15.28 8.58
C MET A 219 4.95 14.54 7.78
N CYS A 220 5.63 15.25 6.87
CA CYS A 220 6.73 14.70 6.10
C CYS A 220 7.88 14.32 7.04
N MET A 221 8.23 15.27 7.92
CA MET A 221 9.36 15.13 8.81
C MET A 221 9.06 14.04 9.83
N LEU A 222 7.78 13.84 10.16
CA LEU A 222 7.39 12.75 11.03
C LEU A 222 7.59 11.40 10.34
N GLU A 223 7.18 11.29 9.07
CA GLU A 223 7.42 10.10 8.27
C GLU A 223 8.93 9.84 8.20
N MET A 224 9.70 10.87 7.84
CA MET A 224 11.15 10.82 7.77
C MET A 224 11.78 10.43 9.12
N ALA A 225 11.16 10.82 10.24
CA ALA A 225 11.67 10.49 11.56
C ALA A 225 11.27 9.07 11.96
N THR A 226 9.97 8.74 11.90
CA THR A 226 9.45 7.46 12.34
C THR A 226 9.61 6.37 11.27
N SER A 227 10.20 6.74 10.13
CA SER A 227 10.45 5.83 9.02
C SER A 227 9.17 5.17 8.49
N GLU A 228 8.01 5.57 9.02
CA GLU A 228 6.73 4.99 8.60
C GLU A 228 5.65 6.06 8.43
N TYR A 229 4.60 5.69 7.68
CA TYR A 229 3.53 6.57 7.21
C TYR A 229 2.68 7.09 8.36
N PRO A 230 2.53 8.43 8.57
CA PRO A 230 1.59 9.00 9.54
C PRO A 230 0.20 8.38 9.50
N TYR A 231 -0.36 8.13 10.69
CA TYR A 231 -1.72 7.67 10.89
C TYR A 231 -1.91 6.26 10.31
N SER A 232 -0.87 5.42 10.40
CA SER A 232 -0.89 4.05 9.91
C SER A 232 -1.92 3.22 10.66
N GLU A 233 -2.13 3.58 11.93
CA GLU A 233 -3.01 2.87 12.85
C GLU A 233 -4.42 2.83 12.29
N CYS A 234 -4.87 3.94 11.70
CA CYS A 234 -6.22 4.07 11.18
C CYS A 234 -6.47 3.08 10.04
N GLN A 235 -7.75 2.70 9.87
CA GLN A 235 -8.15 1.66 8.93
C GLN A 235 -8.77 2.27 7.69
N ASN A 236 -9.74 3.18 7.90
CA ASN A 236 -10.44 3.91 6.86
C ASN A 236 -9.95 5.36 6.85
N ALA A 237 -10.32 6.10 5.79
CA ALA A 237 -9.94 7.52 5.68
C ALA A 237 -10.62 8.32 6.79
N ALA A 238 -11.87 7.93 7.11
CA ALA A 238 -12.72 8.68 8.00
C ALA A 238 -12.16 8.70 9.42
N GLN A 239 -11.50 7.59 9.80
CA GLN A 239 -10.85 7.45 11.10
C GLN A 239 -9.71 8.45 11.23
N ILE A 240 -9.08 8.77 10.09
CA ILE A 240 -7.99 9.74 10.03
C ILE A 240 -8.60 11.14 10.15
N TYR A 241 -9.60 11.41 9.30
CA TYR A 241 -10.32 12.68 9.27
C TYR A 241 -10.85 12.98 10.67
N ARG A 242 -11.35 11.94 11.35
CA ARG A 242 -11.87 12.05 12.69
C ARG A 242 -10.81 12.69 13.59
N LYS A 243 -9.61 12.09 13.59
CA LYS A 243 -8.52 12.46 14.48
C LYS A 243 -7.98 13.84 14.14
N VAL A 244 -7.81 14.10 12.83
CA VAL A 244 -7.27 15.36 12.35
C VAL A 244 -8.18 16.51 12.80
N THR A 245 -9.51 16.31 12.62
CA THR A 245 -10.52 17.29 12.96
C THR A 245 -10.47 17.59 14.46
N SER A 246 -10.42 16.52 15.28
CA SER A 246 -10.39 16.62 16.72
C SER A 246 -8.96 16.80 17.24
N GLY A 247 -8.04 17.10 16.29
CA GLY A 247 -6.65 17.42 16.54
C GLY A 247 -5.94 16.37 17.39
N ILE A 248 -6.21 15.08 17.12
CA ILE A 248 -5.47 13.98 17.71
C ILE A 248 -4.27 13.73 16.78
N LYS A 249 -3.08 13.61 17.38
CA LYS A 249 -1.83 13.40 16.67
C LYS A 249 -1.76 11.94 16.27
N PRO A 250 -0.93 11.56 15.27
CA PRO A 250 -0.73 10.15 14.92
C PRO A 250 0.10 9.41 15.96
N ALA A 251 -0.09 8.09 16.07
CA ALA A 251 0.68 7.28 17.00
C ALA A 251 2.17 7.44 16.72
N SER A 252 2.51 7.57 15.44
CA SER A 252 3.88 7.80 14.98
C SER A 252 4.58 8.83 15.86
N PHE A 253 3.83 9.86 16.27
CA PHE A 253 4.37 11.03 16.93
C PHE A 253 5.18 10.64 18.16
N ASN A 254 4.69 9.63 18.90
CA ASN A 254 5.31 9.22 20.15
C ASN A 254 6.63 8.50 19.87
N LYS A 255 6.71 7.76 18.75
CA LYS A 255 7.89 6.99 18.37
C LYS A 255 9.07 7.91 18.04
N VAL A 256 8.84 9.23 18.04
CA VAL A 256 9.91 10.18 17.77
C VAL A 256 10.86 10.20 18.96
N THR A 257 12.12 9.82 18.67
CA THR A 257 13.16 9.59 19.65
C THR A 257 13.76 10.92 20.12
N ASP A 258 14.51 11.60 19.23
CA ASP A 258 15.03 12.93 19.48
C ASP A 258 13.88 13.86 19.85
N PRO A 259 13.93 14.49 21.06
CA PRO A 259 12.99 15.56 21.42
C PRO A 259 12.98 16.81 20.54
N GLU A 260 14.14 17.28 20.08
CA GLU A 260 14.26 18.54 19.33
C GLU A 260 13.49 18.48 18.01
N VAL A 261 13.49 17.30 17.37
CA VAL A 261 12.68 16.98 16.19
C VAL A 261 11.19 17.04 16.54
N LYS A 262 10.80 16.27 17.56
CA LYS A 262 9.44 16.10 18.07
C LYS A 262 8.83 17.47 18.38
N GLU A 263 9.59 18.28 19.12
CA GLU A 263 9.29 19.67 19.40
C GLU A 263 8.90 20.38 18.11
N ILE A 264 9.66 20.14 17.03
CA ILE A 264 9.46 20.82 15.75
C ILE A 264 8.20 20.31 15.08
N ILE A 265 8.16 18.99 14.81
CA ILE A 265 7.01 18.33 14.22
C ILE A 265 5.74 18.82 14.91
N GLU A 266 5.83 19.00 16.24
CA GLU A 266 4.72 19.47 17.06
C GLU A 266 4.28 20.86 16.56
N GLY A 267 5.24 21.80 16.50
CA GLY A 267 4.96 23.18 16.14
C GLY A 267 4.44 23.32 14.71
N CYS A 268 4.46 22.21 13.98
CA CYS A 268 4.11 22.18 12.57
C CYS A 268 2.68 21.69 12.40
N ILE A 269 2.33 20.60 13.09
CA ILE A 269 1.06 19.96 12.85
C ILE A 269 0.05 20.44 13.89
N ARG A 270 0.26 21.65 14.44
CA ARG A 270 -0.70 22.29 15.34
C ARG A 270 -2.03 22.55 14.62
N GLN A 271 -3.11 22.35 15.37
CA GLN A 271 -4.45 22.40 14.82
C GLN A 271 -4.83 23.81 14.37
N ASN A 272 -4.53 24.82 15.20
CA ASN A 272 -4.93 26.19 14.88
C ASN A 272 -3.93 26.78 13.89
N LYS A 273 -4.45 27.35 12.78
CA LYS A 273 -3.62 27.95 11.74
C LYS A 273 -2.62 28.92 12.36
N SER A 274 -3.16 29.80 13.21
CA SER A 274 -2.49 30.88 13.92
C SER A 274 -1.34 30.39 14.80
N GLU A 275 -1.48 29.18 15.37
CA GLU A 275 -0.56 28.74 16.39
C GLU A 275 0.67 28.06 15.80
N ARG A 276 0.57 27.51 14.58
CA ARG A 276 1.68 26.86 13.89
C ARG A 276 2.82 27.85 13.62
N LEU A 277 4.05 27.32 13.54
CA LEU A 277 5.24 28.08 13.20
C LEU A 277 5.24 28.39 11.70
N SER A 278 5.97 29.42 11.31
CA SER A 278 6.20 29.71 9.90
C SER A 278 7.41 28.91 9.42
N ILE A 279 7.74 29.01 8.12
CA ILE A 279 8.97 28.39 7.61
C ILE A 279 10.18 29.17 8.15
N ARG A 280 10.07 30.50 8.21
CA ARG A 280 11.12 31.34 8.79
C ARG A 280 11.44 30.88 10.20
N ASP A 281 10.38 30.68 10.98
CA ASP A 281 10.52 30.25 12.37
C ASP A 281 11.26 28.93 12.42
N LEU A 282 11.01 28.06 11.43
CA LEU A 282 11.55 26.71 11.39
C LEU A 282 13.01 26.77 10.93
N LEU A 283 13.30 27.68 9.99
CA LEU A 283 14.62 27.79 9.42
C LEU A 283 15.54 28.54 10.39
N ASN A 284 14.95 29.46 11.16
CA ASN A 284 15.71 30.20 12.16
C ASN A 284 15.82 29.36 13.42
N HIS A 285 15.17 28.19 13.45
CA HIS A 285 15.27 27.26 14.57
C HIS A 285 16.73 26.87 14.76
N ALA A 286 17.07 26.42 15.99
CA ALA A 286 18.39 25.90 16.34
C ALA A 286 18.73 24.65 15.52
N PHE A 287 17.82 23.66 15.47
CA PHE A 287 18.01 22.43 14.71
C PHE A 287 18.44 22.74 13.27
N PHE A 288 17.77 23.71 12.63
CA PHE A 288 18.05 24.13 11.27
C PHE A 288 18.88 25.42 11.31
N ALA A 289 20.10 25.37 10.78
CA ALA A 289 20.96 26.53 10.58
C ALA A 289 21.02 27.38 11.86
N LYS B 19 -20.23 -38.33 24.20
CA LYS B 19 -20.26 -37.45 23.01
C LYS B 19 -18.84 -37.13 22.52
N ALA B 20 -18.05 -36.45 23.37
CA ALA B 20 -16.76 -35.82 23.06
C ALA B 20 -15.59 -36.79 23.29
N VAL B 21 -14.61 -36.75 22.38
CA VAL B 21 -13.56 -37.76 22.37
C VAL B 21 -12.21 -37.17 22.81
N ALA B 22 -12.12 -35.84 22.93
CA ALA B 22 -10.92 -35.17 23.41
C ALA B 22 -11.28 -33.73 23.81
N THR B 23 -10.32 -33.03 24.43
CA THR B 23 -10.62 -31.71 24.99
C THR B 23 -9.42 -30.78 24.94
N SER B 24 -9.72 -29.48 24.81
CA SER B 24 -8.79 -28.39 25.05
C SER B 24 -8.21 -28.53 26.46
N PRO B 25 -6.89 -28.28 26.69
CA PRO B 25 -6.31 -28.32 28.02
C PRO B 25 -7.05 -27.38 29.00
N SER B 26 -7.45 -26.20 28.51
CA SER B 26 -8.21 -25.20 29.26
C SER B 26 -9.67 -25.65 29.43
N GLY B 27 -9.98 -26.85 28.95
CA GLY B 27 -11.26 -27.51 29.11
C GLY B 27 -12.39 -26.86 28.31
N ARG B 28 -12.06 -25.76 27.61
CA ARG B 28 -13.10 -24.92 27.03
C ARG B 28 -13.65 -25.51 25.73
N PHE B 29 -12.92 -26.48 25.15
CA PHE B 29 -13.21 -26.94 23.80
C PHE B 29 -13.14 -28.46 23.73
N LEU B 30 -14.07 -29.05 22.95
CA LEU B 30 -14.26 -30.49 22.89
C LEU B 30 -14.29 -30.98 21.44
N LYS B 31 -13.58 -32.08 21.21
CA LYS B 31 -13.48 -32.71 19.90
C LYS B 31 -14.48 -33.86 19.81
N PHE B 32 -15.25 -33.90 18.72
CA PHE B 32 -16.08 -35.05 18.39
C PHE B 32 -15.35 -35.88 17.34
N ASP B 33 -15.89 -37.07 17.05
CA ASP B 33 -15.29 -37.97 16.09
C ASP B 33 -15.95 -37.80 14.71
N ILE B 34 -15.87 -36.57 14.18
CA ILE B 34 -16.62 -36.15 13.00
C ILE B 34 -15.67 -35.41 12.07
N GLU B 35 -15.04 -36.11 11.12
CA GLU B 35 -14.17 -35.48 10.15
C GLU B 35 -14.97 -34.58 9.19
N LEU B 36 -14.44 -33.37 8.94
CA LEU B 36 -15.10 -32.37 8.12
C LEU B 36 -14.24 -31.96 6.93
N GLY B 37 -13.00 -32.45 6.85
CA GLY B 37 -12.08 -32.15 5.77
C GLY B 37 -10.71 -32.80 5.99
N ARG B 38 -9.85 -32.79 4.95
CA ARG B 38 -8.59 -33.50 5.05
C ARG B 38 -7.48 -32.76 4.31
N GLY B 39 -6.48 -33.52 3.86
CA GLY B 39 -5.25 -32.99 3.29
C GLY B 39 -4.03 -33.45 4.07
N ALA B 40 -2.94 -33.81 3.38
CA ALA B 40 -1.75 -34.35 4.02
C ALA B 40 -1.25 -33.42 5.13
N PHE B 41 -1.55 -32.12 5.00
CA PHE B 41 -1.12 -31.11 5.97
C PHE B 41 -1.93 -31.20 7.27
N LYS B 42 -3.27 -31.35 7.15
CA LYS B 42 -4.15 -31.18 8.29
C LYS B 42 -5.30 -32.20 8.29
N THR B 43 -6.16 -32.10 9.31
CA THR B 43 -7.47 -32.70 9.39
C THR B 43 -8.35 -31.77 10.22
N VAL B 44 -9.67 -31.71 9.91
CA VAL B 44 -10.58 -30.75 10.54
C VAL B 44 -11.78 -31.53 11.10
N TYR B 45 -11.92 -31.50 12.43
CA TYR B 45 -13.05 -32.14 13.08
C TYR B 45 -14.03 -31.08 13.52
N LYS B 46 -15.29 -31.52 13.72
CA LYS B 46 -16.28 -30.69 14.37
C LYS B 46 -16.00 -30.67 15.86
N GLY B 47 -16.12 -29.49 16.45
CA GLY B 47 -15.84 -29.29 17.86
C GLY B 47 -16.86 -28.37 18.52
N LEU B 48 -16.67 -28.12 19.82
CA LEU B 48 -17.63 -27.30 20.54
C LEU B 48 -16.93 -26.45 21.59
N ASP B 49 -17.23 -25.14 21.53
CA ASP B 49 -16.89 -24.18 22.56
C ASP B 49 -17.92 -24.31 23.67
N THR B 50 -17.51 -24.92 24.79
CA THR B 50 -18.42 -25.19 25.88
C THR B 50 -18.84 -23.86 26.52
N GLU B 51 -17.96 -22.85 26.47
CA GLU B 51 -18.22 -21.55 27.09
C GLU B 51 -19.34 -20.80 26.37
N THR B 52 -19.21 -20.61 25.04
CA THR B 52 -20.20 -19.85 24.30
C THR B 52 -21.06 -20.82 23.49
N TRP B 53 -21.16 -22.05 23.98
CA TRP B 53 -21.91 -23.19 23.43
C TRP B 53 -22.15 -23.07 21.92
N VAL B 54 -21.21 -22.45 21.22
CA VAL B 54 -21.24 -22.25 19.78
C VAL B 54 -20.36 -23.32 19.13
N GLU B 55 -20.66 -23.71 17.89
CA GLU B 55 -19.95 -24.84 17.28
C GLU B 55 -18.70 -24.36 16.56
N VAL B 56 -17.59 -25.12 16.65
CA VAL B 56 -16.28 -24.67 16.16
C VAL B 56 -15.53 -25.74 15.38
N ALA B 57 -14.33 -25.36 14.90
CA ALA B 57 -13.46 -26.22 14.10
C ALA B 57 -12.23 -26.61 14.90
N TRP B 58 -11.98 -27.93 14.92
CA TRP B 58 -10.89 -28.54 15.67
C TRP B 58 -9.84 -29.10 14.69
N CYS B 59 -8.86 -28.24 14.36
CA CYS B 59 -7.86 -28.46 13.34
C CYS B 59 -6.64 -29.17 13.93
N GLU B 60 -6.23 -30.30 13.33
CA GLU B 60 -5.12 -31.10 13.83
C GLU B 60 -4.05 -31.27 12.77
N LEU B 61 -3.37 -30.16 12.45
CA LEU B 61 -2.19 -30.20 11.60
C LEU B 61 -1.23 -31.22 12.18
N GLN B 62 -0.82 -32.20 11.38
CA GLN B 62 0.23 -33.10 11.84
C GLN B 62 1.55 -32.34 11.77
N ASP B 63 2.21 -32.20 12.93
CA ASP B 63 3.47 -31.49 13.05
C ASP B 63 4.48 -32.10 12.08
N ARG B 64 5.00 -31.27 11.16
CA ARG B 64 5.90 -31.77 10.14
C ARG B 64 7.12 -30.88 10.02
N LYS B 65 7.05 -29.67 10.58
CA LYS B 65 8.16 -28.74 10.51
C LYS B 65 9.07 -28.90 11.73
N LEU B 66 8.63 -29.70 12.72
CA LEU B 66 9.43 -30.02 13.89
C LEU B 66 9.99 -28.71 14.47
N THR B 67 11.30 -28.50 14.30
CA THR B 67 11.98 -27.27 14.70
C THR B 67 11.47 -26.78 16.06
N LYS B 68 12.16 -27.20 17.13
CA LYS B 68 11.76 -26.90 18.50
C LYS B 68 11.82 -25.39 18.76
N ALA B 69 13.03 -24.83 18.84
CA ALA B 69 13.20 -23.43 19.21
C ALA B 69 12.32 -22.53 18.34
N GLU B 70 11.77 -23.09 17.26
CA GLU B 70 10.86 -22.34 16.39
C GLU B 70 9.49 -22.29 17.05
N GLN B 71 9.12 -23.42 17.66
CA GLN B 71 7.85 -23.62 18.33
C GLN B 71 7.55 -22.40 19.20
N GLN B 72 8.56 -21.87 19.89
CA GLN B 72 8.39 -20.71 20.76
C GLN B 72 7.78 -19.54 19.99
N ARG B 73 8.34 -19.25 18.81
CA ARG B 73 7.92 -18.12 18.00
C ARG B 73 6.42 -18.23 17.71
N PHE B 74 5.98 -19.46 17.34
CA PHE B 74 4.59 -19.72 17.04
C PHE B 74 3.74 -19.43 18.27
N LYS B 75 4.11 -20.06 19.39
CA LYS B 75 3.41 -19.88 20.65
C LYS B 75 3.05 -18.39 20.82
N GLU B 76 4.03 -17.50 20.67
CA GLU B 76 3.81 -16.07 20.90
C GLU B 76 3.00 -15.43 19.76
N GLU B 77 3.22 -15.89 18.53
CA GLU B 77 2.42 -15.49 17.39
C GLU B 77 0.96 -15.91 17.60
N ALA B 78 0.79 -17.21 17.89
CA ALA B 78 -0.50 -17.84 18.12
C ALA B 78 -1.22 -17.18 19.31
N GLU B 79 -0.46 -16.77 20.32
CA GLU B 79 -1.05 -16.03 21.44
C GLU B 79 -1.55 -14.66 20.97
N MET B 80 -0.84 -14.05 20.02
CA MET B 80 -1.24 -12.77 19.49
C MET B 80 -2.56 -12.92 18.72
N LEU B 81 -2.71 -14.08 18.06
CA LEU B 81 -3.80 -14.37 17.14
C LEU B 81 -5.11 -14.53 17.91
N LYS B 82 -5.00 -14.99 19.17
CA LYS B 82 -6.12 -15.10 20.09
C LYS B 82 -6.77 -13.73 20.29
N GLY B 83 -5.93 -12.70 20.35
CA GLY B 83 -6.41 -11.34 20.60
C GLY B 83 -7.06 -10.69 19.39
N LEU B 84 -6.93 -11.31 18.21
CA LEU B 84 -7.53 -10.80 16.98
C LEU B 84 -9.04 -11.02 16.99
N GLN B 85 -9.76 -9.90 16.77
CA GLN B 85 -11.16 -9.84 16.39
C GLN B 85 -11.27 -8.86 15.22
N HIS B 86 -11.68 -9.37 14.05
CA HIS B 86 -12.02 -8.53 12.90
C HIS B 86 -13.03 -9.23 11.99
N PRO B 87 -14.00 -8.47 11.39
CA PRO B 87 -15.05 -9.04 10.54
C PRO B 87 -14.58 -9.91 9.37
N ASN B 88 -13.29 -9.82 9.04
CA ASN B 88 -12.75 -10.39 7.81
C ASN B 88 -11.52 -11.25 8.12
N ILE B 89 -11.43 -11.65 9.40
CA ILE B 89 -10.46 -12.61 9.86
C ILE B 89 -11.26 -13.67 10.61
N VAL B 90 -11.18 -14.92 10.15
CA VAL B 90 -11.74 -16.06 10.86
C VAL B 90 -11.11 -16.11 12.25
N ARG B 91 -11.94 -16.15 13.28
CA ARG B 91 -11.49 -16.00 14.66
C ARG B 91 -10.61 -17.18 15.10
N PHE B 92 -9.62 -16.85 15.95
CA PHE B 92 -8.64 -17.79 16.45
C PHE B 92 -8.81 -17.95 17.96
N TYR B 93 -8.99 -19.20 18.42
CA TYR B 93 -9.35 -19.46 19.81
C TYR B 93 -8.19 -20.05 20.61
N ASP B 94 -7.54 -21.08 20.09
CA ASP B 94 -6.63 -21.88 20.92
C ASP B 94 -5.70 -22.70 20.03
N SER B 95 -4.53 -23.05 20.58
CA SER B 95 -3.64 -24.02 19.97
C SER B 95 -2.79 -24.69 21.04
N TRP B 96 -2.30 -25.90 20.77
CA TRP B 96 -1.48 -26.64 21.73
C TRP B 96 -0.83 -27.83 21.03
N GLU B 97 -0.04 -28.63 21.76
CA GLU B 97 0.59 -29.80 21.19
C GLU B 97 0.02 -31.07 21.82
N SER B 98 -0.55 -31.93 20.95
CA SER B 98 -0.99 -33.29 21.28
C SER B 98 -0.05 -34.32 20.62
N ILE B 99 -0.08 -35.55 21.13
CA ILE B 99 0.25 -36.72 20.33
C ILE B 99 -1.06 -37.46 20.04
N LEU B 100 -1.76 -37.05 18.99
CA LEU B 100 -2.96 -37.76 18.57
C LEU B 100 -2.60 -38.81 17.52
N LYS B 101 -3.17 -40.01 17.73
CA LYS B 101 -2.79 -41.28 17.13
C LYS B 101 -1.35 -41.63 17.50
N GLY B 102 -0.51 -41.92 16.50
CA GLY B 102 0.89 -42.19 16.73
C GLY B 102 1.76 -40.94 16.56
N LYS B 103 1.14 -39.90 15.98
CA LYS B 103 1.83 -38.75 15.41
C LYS B 103 1.81 -37.56 16.38
N LYS B 104 2.99 -36.97 16.62
CA LYS B 104 3.08 -35.71 17.34
C LYS B 104 2.60 -34.59 16.42
N CYS B 105 1.71 -33.73 16.95
CA CYS B 105 1.02 -32.79 16.10
C CYS B 105 0.71 -31.49 16.83
N ILE B 106 -0.03 -30.61 16.14
CA ILE B 106 -0.49 -29.32 16.63
C ILE B 106 -1.99 -29.20 16.37
N VAL B 107 -2.74 -28.85 17.41
CA VAL B 107 -4.17 -28.60 17.32
C VAL B 107 -4.43 -27.09 17.41
N LEU B 108 -5.21 -26.57 16.45
CA LEU B 108 -5.73 -25.21 16.54
C LEU B 108 -7.24 -25.29 16.75
N VAL B 109 -7.81 -24.21 17.32
CA VAL B 109 -9.25 -24.08 17.47
C VAL B 109 -9.67 -22.70 16.99
N THR B 110 -10.59 -22.70 16.02
CA THR B 110 -10.92 -21.54 15.21
C THR B 110 -12.40 -21.57 14.87
N GLU B 111 -12.96 -20.37 14.66
CA GLU B 111 -14.32 -20.16 14.19
C GLU B 111 -14.64 -21.14 13.07
N LEU B 112 -15.82 -21.76 13.14
CA LEU B 112 -16.18 -22.72 12.12
C LEU B 112 -16.83 -22.01 10.94
N MET B 113 -16.29 -22.30 9.75
CA MET B 113 -16.76 -21.73 8.49
C MET B 113 -17.32 -22.86 7.66
N THR B 114 -18.63 -22.81 7.36
CA THR B 114 -19.26 -23.94 6.72
C THR B 114 -19.52 -23.66 5.24
N SER B 115 -19.77 -22.39 4.88
CA SER B 115 -20.35 -22.03 3.59
C SER B 115 -19.28 -21.83 2.51
N GLY B 116 -18.07 -22.34 2.72
CA GLY B 116 -17.13 -22.54 1.62
C GLY B 116 -16.15 -21.38 1.42
N THR B 117 -15.33 -21.55 0.38
CA THR B 117 -14.21 -20.69 0.02
C THR B 117 -14.58 -19.87 -1.22
N LEU B 118 -13.67 -18.99 -1.66
CA LEU B 118 -13.86 -18.28 -2.92
C LEU B 118 -13.78 -19.28 -4.08
N LYS B 119 -12.86 -20.25 -3.94
CA LYS B 119 -12.72 -21.38 -4.85
C LYS B 119 -14.07 -22.08 -5.05
N THR B 120 -14.76 -22.43 -3.96
CA THR B 120 -15.95 -23.24 -4.10
C THR B 120 -17.06 -22.41 -4.71
N TYR B 121 -17.11 -21.13 -4.34
CA TYR B 121 -18.13 -20.22 -4.83
C TYR B 121 -17.96 -19.98 -6.33
N LEU B 122 -16.70 -19.86 -6.79
CA LEU B 122 -16.43 -19.62 -8.19
C LEU B 122 -16.68 -20.90 -8.98
N LYS B 123 -16.62 -22.04 -8.29
CA LYS B 123 -17.01 -23.30 -8.92
C LYS B 123 -18.54 -23.35 -9.06
N ARG B 124 -19.24 -23.31 -7.92
CA ARG B 124 -20.70 -23.32 -7.88
C ARG B 124 -21.29 -22.38 -8.94
N PHE B 125 -20.97 -21.07 -8.84
CA PHE B 125 -21.62 -20.01 -9.57
C PHE B 125 -20.90 -19.64 -10.87
N LYS B 126 -19.85 -20.39 -11.22
CA LYS B 126 -19.27 -20.35 -12.56
C LYS B 126 -18.59 -19.00 -12.86
N VAL B 127 -19.23 -17.90 -12.44
CA VAL B 127 -18.80 -16.55 -12.79
C VAL B 127 -19.16 -15.61 -11.63
N MET B 128 -18.22 -14.73 -11.24
CA MET B 128 -18.45 -13.79 -10.15
C MET B 128 -18.91 -12.45 -10.70
N LYS B 129 -20.02 -11.94 -10.16
CA LYS B 129 -20.64 -10.69 -10.55
C LYS B 129 -19.72 -9.52 -10.15
N PRO B 130 -19.36 -8.60 -11.08
CA PRO B 130 -18.41 -7.54 -10.77
C PRO B 130 -18.71 -6.72 -9.51
N LYS B 131 -19.97 -6.70 -9.07
CA LYS B 131 -20.37 -6.01 -7.85
C LYS B 131 -19.92 -6.79 -6.62
N VAL B 132 -20.07 -8.13 -6.66
CA VAL B 132 -19.66 -9.08 -5.63
C VAL B 132 -18.16 -8.93 -5.42
N LEU B 133 -17.43 -8.93 -6.55
CA LEU B 133 -15.98 -8.90 -6.58
C LEU B 133 -15.48 -7.64 -5.90
N ARG B 134 -16.06 -6.49 -6.24
CA ARG B 134 -15.64 -5.24 -5.62
C ARG B 134 -15.77 -5.37 -4.10
N SER B 135 -16.99 -5.69 -3.64
CA SER B 135 -17.26 -5.67 -2.21
C SER B 135 -16.36 -6.65 -1.44
N TRP B 136 -16.12 -7.83 -2.02
CA TRP B 136 -15.37 -8.89 -1.37
C TRP B 136 -13.87 -8.63 -1.35
N CYS B 137 -13.31 -8.17 -2.49
CA CYS B 137 -11.93 -7.75 -2.61
C CYS B 137 -11.61 -6.59 -1.65
N ARG B 138 -12.51 -5.60 -1.60
CA ARG B 138 -12.33 -4.51 -0.64
C ARG B 138 -12.20 -5.10 0.77
N GLN B 139 -13.02 -6.12 1.05
CA GLN B 139 -13.10 -6.73 2.37
C GLN B 139 -11.79 -7.44 2.69
N ILE B 140 -11.19 -8.07 1.66
CA ILE B 140 -9.92 -8.76 1.80
C ILE B 140 -8.83 -7.73 2.16
N LEU B 141 -8.84 -6.60 1.45
CA LEU B 141 -7.93 -5.50 1.72
C LEU B 141 -8.07 -5.06 3.18
N LYS B 142 -9.31 -4.86 3.61
CA LYS B 142 -9.64 -4.44 4.98
C LYS B 142 -9.09 -5.44 6.01
N GLY B 143 -9.20 -6.73 5.70
CA GLY B 143 -8.63 -7.78 6.53
C GLY B 143 -7.11 -7.68 6.63
N LEU B 144 -6.47 -7.57 5.44
CA LEU B 144 -5.02 -7.52 5.36
C LEU B 144 -4.53 -6.25 6.05
N GLN B 145 -5.30 -5.17 5.92
CA GLN B 145 -4.99 -3.88 6.53
C GLN B 145 -4.89 -4.06 8.03
N PHE B 146 -5.87 -4.79 8.60
CA PHE B 146 -5.91 -5.06 10.03
C PHE B 146 -4.62 -5.80 10.40
N LEU B 147 -4.37 -6.92 9.71
CA LEU B 147 -3.22 -7.77 9.97
C LEU B 147 -1.90 -6.99 9.93
N HIS B 148 -1.77 -6.08 8.94
CA HIS B 148 -0.51 -5.38 8.75
C HIS B 148 -0.33 -4.26 9.78
N THR B 149 -1.45 -3.72 10.28
CA THR B 149 -1.39 -2.62 11.24
C THR B 149 -1.31 -3.14 12.68
N ARG B 150 -1.23 -4.46 12.86
CA ARG B 150 -0.90 -5.03 14.17
C ARG B 150 0.52 -4.60 14.56
N THR B 151 0.86 -4.76 15.85
CA THR B 151 2.22 -4.56 16.34
C THR B 151 2.67 -5.78 17.16
N PRO B 152 3.53 -6.68 16.63
CA PRO B 152 4.19 -6.49 15.32
C PRO B 152 3.23 -6.76 14.16
N PRO B 153 3.50 -6.19 12.95
CA PRO B 153 2.69 -6.47 11.77
C PRO B 153 2.59 -7.99 11.57
N ILE B 154 1.40 -8.44 11.14
CA ILE B 154 1.17 -9.84 10.80
C ILE B 154 1.18 -9.98 9.28
N ILE B 155 2.08 -10.83 8.77
CA ILE B 155 2.08 -11.13 7.35
C ILE B 155 1.50 -12.54 7.19
N HIS B 156 0.51 -12.65 6.28
CA HIS B 156 -0.12 -13.93 6.02
C HIS B 156 0.86 -14.89 5.35
N ARG B 157 1.56 -14.42 4.29
CA ARG B 157 2.57 -15.21 3.59
C ARG B 157 1.97 -16.41 2.88
N ASP B 158 0.63 -16.48 2.90
CA ASP B 158 -0.06 -17.68 2.43
C ASP B 158 -1.46 -17.38 1.90
N LEU B 159 -1.75 -16.12 1.57
CA LEU B 159 -3.08 -15.77 1.09
C LEU B 159 -3.31 -16.39 -0.27
N LYS B 160 -4.46 -17.07 -0.42
CA LYS B 160 -4.87 -17.79 -1.62
C LYS B 160 -6.39 -17.89 -1.57
N CYS B 161 -7.01 -18.30 -2.69
CA CYS B 161 -8.47 -18.33 -2.75
C CYS B 161 -9.10 -19.44 -1.91
N ASP B 162 -8.37 -20.56 -1.73
CA ASP B 162 -8.88 -21.73 -1.02
C ASP B 162 -9.08 -21.38 0.45
N ASN B 163 -8.38 -20.34 0.94
CA ASN B 163 -8.36 -20.04 2.37
C ASN B 163 -8.89 -18.63 2.64
N ILE B 164 -9.61 -18.08 1.67
CA ILE B 164 -10.56 -17.01 1.95
C ILE B 164 -11.95 -17.64 2.03
N PHE B 165 -12.62 -17.42 3.16
CA PHE B 165 -13.89 -18.06 3.45
C PHE B 165 -15.01 -17.02 3.37
N ILE B 166 -16.18 -17.47 2.89
CA ILE B 166 -17.37 -16.63 2.84
C ILE B 166 -18.31 -17.05 3.97
N THR B 167 -19.08 -16.08 4.44
CA THR B 167 -20.26 -16.23 5.27
C THR B 167 -21.31 -17.08 4.55
N GLY B 168 -21.44 -16.85 3.23
CA GLY B 168 -22.35 -17.55 2.36
C GLY B 168 -22.47 -16.81 1.04
N PRO B 169 -23.22 -17.34 0.05
CA PRO B 169 -23.39 -16.68 -1.25
C PRO B 169 -23.85 -15.24 -1.17
N THR B 170 -24.74 -14.94 -0.20
CA THR B 170 -25.05 -13.58 0.25
C THR B 170 -24.45 -13.39 1.64
N GLY B 171 -23.25 -12.78 1.68
CA GLY B 171 -22.50 -12.63 2.92
C GLY B 171 -21.12 -12.02 2.65
N SER B 172 -20.20 -12.18 3.60
CA SER B 172 -18.91 -11.52 3.53
C SER B 172 -17.75 -12.52 3.60
N VAL B 173 -16.53 -12.02 3.40
CA VAL B 173 -15.35 -12.87 3.42
C VAL B 173 -14.59 -12.70 4.72
N LYS B 174 -13.85 -13.75 5.06
CA LYS B 174 -12.93 -13.76 6.20
C LYS B 174 -11.71 -14.60 5.81
N ILE B 175 -10.52 -14.03 6.03
CA ILE B 175 -9.26 -14.72 5.78
C ILE B 175 -9.08 -15.78 6.85
N GLY B 176 -8.77 -17.01 6.40
CA GLY B 176 -8.48 -18.13 7.28
C GLY B 176 -7.01 -18.55 7.20
N ASP B 177 -6.67 -19.76 7.68
CA ASP B 177 -5.32 -20.30 7.62
C ASP B 177 -4.29 -19.38 8.29
N LEU B 178 -4.68 -18.70 9.38
CA LEU B 178 -3.85 -17.67 9.99
C LEU B 178 -2.55 -18.25 10.57
N GLY B 179 -2.67 -19.31 11.38
CA GLY B 179 -1.52 -19.90 12.05
C GLY B 179 -0.55 -20.54 11.08
N LEU B 180 -1.10 -21.30 10.11
CA LEU B 180 -0.32 -22.06 9.14
C LEU B 180 0.67 -21.16 8.42
N ALA B 181 0.38 -19.85 8.40
CA ALA B 181 1.25 -18.82 7.83
C ALA B 181 2.70 -19.00 8.31
N THR B 182 2.87 -19.49 9.55
CA THR B 182 4.18 -19.70 10.16
C THR B 182 4.42 -21.19 10.43
N LEU B 183 3.50 -22.06 10.02
CA LEU B 183 3.62 -23.46 10.40
C LEU B 183 4.06 -24.30 9.20
N MET B 184 4.45 -23.61 8.10
CA MET B 184 4.90 -24.27 6.89
C MET B 184 5.92 -23.39 6.15
N PRO B 196 3.12 -20.74 -4.47
CA PRO B 196 3.05 -21.71 -5.57
C PRO B 196 2.03 -21.24 -6.59
N GLU B 197 2.35 -20.17 -7.32
CA GLU B 197 1.42 -19.52 -8.26
C GLU B 197 0.81 -18.26 -7.65
N PHE B 198 0.66 -18.26 -6.31
CA PHE B 198 0.15 -17.11 -5.58
C PHE B 198 1.30 -16.46 -4.79
N MET B 199 2.49 -17.04 -4.97
CA MET B 199 3.68 -16.74 -4.20
C MET B 199 4.53 -15.70 -4.93
N ALA B 200 4.80 -14.59 -4.22
CA ALA B 200 5.55 -13.47 -4.77
C ALA B 200 6.95 -13.91 -5.22
N PRO B 201 7.52 -13.31 -6.29
CA PRO B 201 8.85 -13.71 -6.79
C PRO B 201 9.91 -13.60 -5.70
N GLU B 202 9.92 -12.46 -4.99
CA GLU B 202 10.93 -12.24 -3.97
C GLU B 202 10.87 -13.37 -2.94
N MET B 203 9.73 -14.04 -2.83
CA MET B 203 9.56 -15.08 -1.82
C MET B 203 10.29 -16.36 -2.25
N TYR B 204 10.62 -16.45 -3.55
CA TYR B 204 11.52 -17.46 -4.09
C TYR B 204 12.97 -17.04 -3.84
N GLU B 205 13.17 -15.84 -3.27
CA GLU B 205 14.46 -15.43 -2.71
C GLU B 205 14.44 -15.64 -1.20
N GLU B 206 13.28 -15.44 -0.56
CA GLU B 206 13.00 -15.69 0.87
C GLU B 206 12.67 -14.41 1.64
N HIS B 207 11.84 -14.59 2.70
CA HIS B 207 11.51 -13.61 3.72
C HIS B 207 10.15 -12.96 3.42
N TYR B 208 9.44 -12.61 4.48
CA TYR B 208 8.19 -11.90 4.34
C TYR B 208 8.46 -10.40 4.18
N ASP B 209 7.37 -9.63 4.21
CA ASP B 209 7.25 -8.19 3.98
C ASP B 209 5.82 -7.92 3.52
N GLU B 210 5.28 -6.75 3.89
CA GLU B 210 3.88 -6.39 3.67
C GLU B 210 3.43 -6.72 2.24
N SER B 211 4.33 -6.50 1.28
CA SER B 211 3.99 -6.45 -0.14
C SER B 211 3.85 -7.84 -0.75
N VAL B 212 4.30 -8.86 -0.01
CA VAL B 212 4.20 -10.25 -0.44
C VAL B 212 2.72 -10.66 -0.51
N ASP B 213 1.94 -10.11 0.44
CA ASP B 213 0.49 -10.28 0.55
C ASP B 213 -0.26 -9.48 -0.52
N VAL B 214 0.30 -8.33 -0.92
CA VAL B 214 -0.25 -7.57 -2.04
C VAL B 214 -0.12 -8.38 -3.32
N TYR B 215 0.99 -9.09 -3.48
CA TYR B 215 1.16 -9.92 -4.66
C TYR B 215 0.11 -11.04 -4.65
N ALA B 216 -0.05 -11.67 -3.48
CA ALA B 216 -1.01 -12.75 -3.30
C ALA B 216 -2.39 -12.25 -3.69
N PHE B 217 -2.85 -11.19 -3.01
CA PHE B 217 -4.16 -10.57 -3.24
C PHE B 217 -4.37 -10.31 -4.73
N GLY B 218 -3.34 -9.74 -5.39
CA GLY B 218 -3.39 -9.49 -6.81
C GLY B 218 -3.84 -10.73 -7.58
N MET B 219 -3.19 -11.85 -7.27
CA MET B 219 -3.39 -13.13 -7.92
C MET B 219 -4.77 -13.67 -7.57
N CYS B 220 -5.25 -13.35 -6.37
CA CYS B 220 -6.58 -13.74 -5.92
C CYS B 220 -7.64 -13.03 -6.76
N MET B 221 -7.43 -11.70 -6.91
CA MET B 221 -8.35 -10.83 -7.62
C MET B 221 -8.37 -11.22 -9.09
N LEU B 222 -7.24 -11.70 -9.62
CA LEU B 222 -7.19 -12.21 -10.98
C LEU B 222 -8.03 -13.48 -11.11
N GLU B 223 -7.90 -14.43 -10.17
CA GLU B 223 -8.72 -15.64 -10.17
C GLU B 223 -10.19 -15.25 -10.09
N MET B 224 -10.54 -14.39 -9.12
CA MET B 224 -11.88 -13.85 -8.94
C MET B 224 -12.40 -13.12 -10.20
N ALA B 225 -11.50 -12.48 -10.96
CA ALA B 225 -11.88 -11.75 -12.16
C ALA B 225 -12.00 -12.69 -13.36
N THR B 226 -10.96 -13.49 -13.61
CA THR B 226 -10.91 -14.35 -14.78
C THR B 226 -11.70 -15.64 -14.57
N SER B 227 -12.20 -15.85 -13.35
CA SER B 227 -12.97 -17.04 -12.99
C SER B 227 -12.24 -18.35 -13.34
N GLU B 228 -10.94 -18.23 -13.61
CA GLU B 228 -10.07 -19.37 -13.85
C GLU B 228 -8.76 -19.22 -13.06
N TYR B 229 -8.14 -20.36 -12.77
CA TYR B 229 -7.01 -20.47 -11.86
C TYR B 229 -5.73 -19.91 -12.49
N PRO B 230 -5.05 -18.88 -11.91
CA PRO B 230 -3.85 -18.29 -12.51
C PRO B 230 -2.79 -19.30 -12.95
N TYR B 231 -2.22 -19.04 -14.14
CA TYR B 231 -1.13 -19.81 -14.71
C TYR B 231 -1.52 -21.27 -15.00
N SER B 232 -2.79 -21.52 -15.35
CA SER B 232 -3.28 -22.86 -15.62
C SER B 232 -2.64 -23.43 -16.89
N GLU B 233 -2.26 -22.52 -17.78
CA GLU B 233 -1.63 -22.84 -19.06
C GLU B 233 -0.40 -23.71 -18.82
N CYS B 234 0.42 -23.36 -17.83
CA CYS B 234 1.69 -24.03 -17.56
C CYS B 234 1.45 -25.48 -17.14
N GLN B 235 2.46 -26.33 -17.37
CA GLN B 235 2.35 -27.78 -17.23
C GLN B 235 3.03 -28.28 -15.96
N ASN B 236 4.25 -27.79 -15.71
CA ASN B 236 5.08 -28.23 -14.59
C ASN B 236 5.07 -27.15 -13.49
N ALA B 237 5.26 -27.55 -12.22
CA ALA B 237 5.36 -26.60 -11.12
C ALA B 237 6.58 -25.69 -11.32
N ALA B 238 7.65 -26.26 -11.90
CA ALA B 238 8.83 -25.52 -12.31
C ALA B 238 8.46 -24.53 -13.43
N GLN B 239 7.49 -24.90 -14.27
CA GLN B 239 7.09 -24.11 -15.42
C GLN B 239 6.47 -22.78 -14.96
N ILE B 240 5.80 -22.83 -13.80
CA ILE B 240 5.18 -21.65 -13.22
C ILE B 240 6.27 -20.81 -12.55
N TYR B 241 7.08 -21.48 -11.72
CA TYR B 241 8.22 -20.89 -11.02
C TYR B 241 9.11 -20.16 -12.04
N ARG B 242 9.30 -20.80 -13.21
CA ARG B 242 10.09 -20.27 -14.31
C ARG B 242 9.60 -18.87 -14.62
N LYS B 243 8.29 -18.78 -14.89
CA LYS B 243 7.62 -17.59 -15.39
C LYS B 243 7.62 -16.50 -14.34
N VAL B 244 7.30 -16.88 -13.10
CA VAL B 244 7.21 -15.96 -11.98
C VAL B 244 8.56 -15.26 -11.79
N THR B 245 9.62 -16.08 -11.78
CA THR B 245 11.00 -15.64 -11.56
C THR B 245 11.40 -14.66 -12.67
N SER B 246 11.12 -15.03 -13.92
CA SER B 246 11.46 -14.22 -15.08
C SER B 246 10.33 -13.22 -15.40
N GLY B 247 9.42 -13.04 -14.42
CA GLY B 247 8.34 -12.08 -14.46
C GLY B 247 7.50 -12.12 -15.73
N ILE B 248 7.11 -13.33 -16.17
CA ILE B 248 6.37 -13.46 -17.42
C ILE B 248 4.89 -13.06 -17.30
N LYS B 249 4.19 -13.52 -16.26
CA LYS B 249 2.80 -13.11 -15.98
C LYS B 249 1.85 -14.12 -16.60
N PRO B 250 0.62 -14.30 -16.05
CA PRO B 250 -0.29 -15.34 -16.53
C PRO B 250 -1.14 -14.86 -17.71
N ALA B 251 -1.49 -15.82 -18.58
CA ALA B 251 -2.33 -15.56 -19.74
C ALA B 251 -3.64 -14.91 -19.30
N SER B 252 -4.17 -15.38 -18.16
CA SER B 252 -5.40 -14.90 -17.56
C SER B 252 -5.45 -13.37 -17.59
N PHE B 253 -4.28 -12.74 -17.37
CA PHE B 253 -4.21 -11.30 -17.16
C PHE B 253 -4.87 -10.54 -18.30
N ASN B 254 -4.66 -11.04 -19.54
CA ASN B 254 -5.13 -10.36 -20.74
C ASN B 254 -6.64 -10.48 -20.86
N LYS B 255 -7.20 -11.63 -20.41
CA LYS B 255 -8.62 -11.94 -20.49
C LYS B 255 -9.44 -11.02 -19.59
N VAL B 256 -8.75 -10.20 -18.77
CA VAL B 256 -9.46 -9.30 -17.88
C VAL B 256 -10.05 -8.17 -18.72
N THR B 257 -11.38 -8.09 -18.66
CA THR B 257 -12.19 -7.21 -19.50
C THR B 257 -12.15 -5.78 -18.93
N ASP B 258 -12.83 -5.57 -17.78
CA ASP B 258 -12.90 -4.28 -17.11
C ASP B 258 -11.48 -3.75 -16.83
N PRO B 259 -11.12 -2.58 -17.41
CA PRO B 259 -9.77 -2.02 -17.25
C PRO B 259 -9.33 -1.62 -15.84
N GLU B 260 -10.26 -1.06 -15.04
CA GLU B 260 -10.00 -0.52 -13.71
C GLU B 260 -9.47 -1.62 -12.77
N VAL B 261 -10.02 -2.84 -12.92
CA VAL B 261 -9.57 -4.04 -12.23
C VAL B 261 -8.17 -4.41 -12.70
N LYS B 262 -8.00 -4.52 -14.03
CA LYS B 262 -6.76 -4.92 -14.70
C LYS B 262 -5.61 -4.01 -14.26
N GLU B 263 -5.86 -2.70 -14.30
CA GLU B 263 -4.99 -1.67 -13.77
C GLU B 263 -4.50 -2.08 -12.38
N ILE B 264 -5.43 -2.55 -11.54
CA ILE B 264 -5.17 -2.86 -10.14
C ILE B 264 -4.35 -4.14 -10.05
N ILE B 265 -4.88 -5.24 -10.59
CA ILE B 265 -4.20 -6.53 -10.63
C ILE B 265 -2.76 -6.31 -11.07
N GLU B 266 -2.58 -5.41 -12.05
CA GLU B 266 -1.29 -5.07 -12.60
C GLU B 266 -0.39 -4.54 -11.48
N GLY B 267 -0.86 -3.50 -10.79
CA GLY B 267 -0.09 -2.81 -9.75
C GLY B 267 0.25 -3.72 -8.57
N CYS B 268 -0.37 -4.90 -8.58
CA CYS B 268 -0.27 -5.84 -7.46
C CYS B 268 0.77 -6.90 -7.76
N ILE B 269 0.72 -7.45 -8.98
CA ILE B 269 1.60 -8.56 -9.31
C ILE B 269 2.83 -8.05 -10.05
N ARG B 270 3.23 -6.80 -9.72
CA ARG B 270 4.47 -6.18 -10.18
C ARG B 270 5.65 -7.02 -9.68
N GLN B 271 6.60 -7.26 -10.59
CA GLN B 271 7.65 -8.23 -10.30
C GLN B 271 8.68 -7.64 -9.33
N ASN B 272 8.97 -6.35 -9.47
CA ASN B 272 9.81 -5.61 -8.54
C ASN B 272 9.07 -5.36 -7.22
N LYS B 273 9.70 -5.75 -6.11
CA LYS B 273 9.09 -5.67 -4.78
C LYS B 273 8.63 -4.24 -4.53
N SER B 274 9.53 -3.28 -4.77
CA SER B 274 9.27 -1.89 -4.43
C SER B 274 8.35 -1.18 -5.43
N GLU B 275 8.11 -1.80 -6.59
CA GLU B 275 7.22 -1.18 -7.56
C GLU B 275 5.75 -1.40 -7.20
N ARG B 276 5.44 -2.48 -6.47
CA ARG B 276 4.07 -2.85 -6.12
C ARG B 276 3.39 -1.80 -5.25
N LEU B 277 2.05 -1.78 -5.35
CA LEU B 277 1.17 -0.90 -4.58
C LEU B 277 1.15 -1.32 -3.11
N SER B 278 0.84 -0.34 -2.26
CA SER B 278 0.58 -0.60 -0.86
C SER B 278 -0.90 -0.91 -0.69
N ILE B 279 -1.31 -1.27 0.53
CA ILE B 279 -2.71 -1.51 0.83
C ILE B 279 -3.47 -0.18 0.77
N ARG B 280 -2.85 0.87 1.35
CA ARG B 280 -3.45 2.21 1.32
C ARG B 280 -3.73 2.63 -0.12
N ASP B 281 -2.75 2.39 -0.99
CA ASP B 281 -2.88 2.73 -2.40
C ASP B 281 -4.13 2.09 -2.97
N LEU B 282 -4.34 0.82 -2.60
CA LEU B 282 -5.38 -0.01 -3.18
C LEU B 282 -6.75 0.40 -2.62
N LEU B 283 -6.75 0.81 -1.34
CA LEU B 283 -7.96 1.22 -0.64
C LEU B 283 -8.40 2.59 -1.13
N ASN B 284 -7.42 3.50 -1.24
CA ASN B 284 -7.70 4.88 -1.60
C ASN B 284 -8.01 4.97 -3.08
N HIS B 285 -7.75 3.87 -3.79
CA HIS B 285 -7.99 3.77 -5.21
C HIS B 285 -9.48 4.01 -5.49
N ALA B 286 -9.78 4.39 -6.73
CA ALA B 286 -11.13 4.76 -7.17
C ALA B 286 -12.10 3.58 -7.08
N PHE B 287 -11.69 2.43 -7.62
CA PHE B 287 -12.47 1.20 -7.63
C PHE B 287 -13.03 0.87 -6.25
N PHE B 288 -12.20 1.00 -5.20
CA PHE B 288 -12.61 0.73 -3.83
C PHE B 288 -13.03 2.03 -3.12
N ALA B 289 -14.33 2.33 -3.20
CA ALA B 289 -14.93 3.56 -2.69
C ALA B 289 -16.44 3.40 -2.67
N GLU B 290 -17.03 3.33 -1.47
CA GLU B 290 -18.47 3.30 -1.32
C GLU B 290 -18.87 3.74 0.10
#